data_2D64
#
_entry.id   2D64
#
_cell.length_a   156.712
_cell.length_b   84.862
_cell.length_c   78.514
_cell.angle_alpha   90.00
_cell.angle_beta   90.00
_cell.angle_gamma   90.00
#
_symmetry.space_group_name_H-M   'C 2 2 21'
#
loop_
_entity.id
_entity.type
_entity.pdbx_description
1 polymer 'Aspartate aminotransferase'
2 non-polymer "PYRIDOXAL-5'-PHOSPHATE"
3 non-polymer 'ISOVALERIC ACID'
4 water water
#
_entity_poly.entity_id   1
_entity_poly.type   'polypeptide(L)'
_entity_poly.pdbx_seq_one_letter_code
;MFENITTAPADPILGLADLLRADERPGKIDLGMGVYNDETGKTPVLTSVKKAEQYLLENETTKNYLGIDGIPEFGRCTQE
LLFGKGSALINDKRARTAQTPGGTGALRVAADFLAKNTSVKRVWVSNPGWPTHKSVFNSAGLEVREYAYYDAENHTLDFD
ALINSLNEAQAGDVVLFHGCCHNPTGIDPTLEQWQTLAQLSVEKGWLPLFDFAYQGFARGLEEDAEGLRAFAAMHKELIV
ASSYSKNFGLYNERVGACTLVAADSETVDRAFSQMKAAIRVNYSSPPAHGASVVATILSNDALRAIWEQELTDMRQRIQR
MRQLFVNTLQEKGANRDFSFTIKQNGMFFFGGLTKEQVLRLREEFGVYAVASGRLNVAGMTPDNLAPLCEAIVAVL
;
_entity_poly.pdbx_strand_id   A
#
loop_
_chem_comp.id
_chem_comp.type
_chem_comp.name
_chem_comp.formula
IVA non-polymer 'ISOVALERIC ACID' 'C5 H10 O2'
PLP non-polymer PYRIDOXAL-5'-PHOSPHATE 'C8 H10 N O6 P'
#
# COMPACT_ATOMS: atom_id res chain seq x y z
N MET A 1 -0.99 -25.09 -29.63
CA MET A 1 -0.14 -24.78 -28.45
C MET A 1 -0.97 -24.27 -27.26
N PHE A 2 -2.04 -23.54 -27.55
CA PHE A 2 -2.89 -22.99 -26.49
C PHE A 2 -4.21 -23.72 -26.28
N GLU A 3 -4.42 -24.82 -27.01
CA GLU A 3 -5.67 -25.57 -26.90
C GLU A 3 -6.04 -26.00 -25.49
N ASN A 4 -5.04 -26.40 -24.70
CA ASN A 4 -5.32 -26.88 -23.35
C ASN A 4 -5.08 -25.92 -22.19
N ILE A 5 -4.94 -24.62 -22.46
CA ILE A 5 -4.73 -23.67 -21.38
C ILE A 5 -6.00 -23.50 -20.55
N THR A 6 -5.83 -23.45 -19.24
CA THR A 6 -6.94 -23.29 -18.31
C THR A 6 -7.23 -21.80 -18.09
N THR A 7 -8.49 -21.48 -17.84
CA THR A 7 -8.88 -20.09 -17.57
C THR A 7 -8.34 -19.74 -16.20
N ALA A 8 -7.63 -18.62 -16.11
CA ALA A 8 -7.06 -18.21 -14.83
C ALA A 8 -8.16 -17.74 -13.88
N PRO A 9 -7.97 -17.97 -12.57
CA PRO A 9 -8.95 -17.54 -11.56
C PRO A 9 -8.94 -16.02 -11.49
N ALA A 10 -10.12 -15.44 -11.27
CA ALA A 10 -10.22 -13.98 -11.17
C ALA A 10 -9.53 -13.46 -9.91
N ASP A 11 -9.06 -12.22 -9.98
CA ASP A 11 -8.39 -11.60 -8.85
C ASP A 11 -9.48 -11.13 -7.88
N PRO A 12 -9.38 -11.49 -6.59
CA PRO A 12 -10.34 -11.13 -5.55
C PRO A 12 -10.56 -9.63 -5.36
N ILE A 13 -9.59 -8.84 -5.79
CA ILE A 13 -9.69 -7.39 -5.67
C ILE A 13 -9.89 -6.72 -7.03
N LEU A 14 -8.97 -6.94 -7.96
CA LEU A 14 -9.06 -6.33 -9.28
C LEU A 14 -10.20 -6.91 -10.12
N GLY A 15 -10.65 -8.11 -9.76
CA GLY A 15 -11.73 -8.73 -10.50
C GLY A 15 -13.09 -8.08 -10.28
N LEU A 16 -13.19 -7.27 -9.22
CA LEU A 16 -14.43 -6.57 -8.92
C LEU A 16 -14.72 -5.57 -10.04
N ALA A 17 -13.65 -4.99 -10.57
CA ALA A 17 -13.78 -4.01 -11.64
C ALA A 17 -14.58 -4.61 -12.81
N ASP A 18 -14.23 -5.84 -13.20
CA ASP A 18 -14.91 -6.51 -14.30
C ASP A 18 -16.38 -6.75 -14.00
N LEU A 19 -16.69 -7.17 -12.77
CA LEU A 19 -18.07 -7.42 -12.37
C LEU A 19 -18.87 -6.14 -12.42
N LEU A 20 -18.29 -5.05 -11.92
CA LEU A 20 -18.96 -3.75 -11.92
C LEU A 20 -19.29 -3.37 -13.34
N ARG A 21 -18.40 -3.73 -14.25
CA ARG A 21 -18.56 -3.44 -15.67
C ARG A 21 -19.80 -4.14 -16.22
N ALA A 22 -19.92 -5.42 -15.90
CA ALA A 22 -21.06 -6.22 -16.36
C ALA A 22 -22.39 -5.74 -15.79
N ASP A 23 -22.47 -5.67 -14.46
CA ASP A 23 -23.70 -5.22 -13.79
C ASP A 23 -24.19 -3.94 -14.44
N GLU A 24 -25.38 -3.99 -15.01
CA GLU A 24 -25.95 -2.84 -15.69
C GLU A 24 -26.95 -2.05 -14.86
N ARG A 25 -27.09 -2.40 -13.59
CA ARG A 25 -28.00 -1.70 -12.70
C ARG A 25 -27.55 -0.26 -12.50
N PRO A 26 -28.49 0.68 -12.53
CA PRO A 26 -28.28 2.13 -12.37
C PRO A 26 -27.44 2.62 -11.20
N GLY A 27 -27.89 2.37 -9.97
CA GLY A 27 -27.16 2.86 -8.81
C GLY A 27 -26.30 1.90 -8.01
N LYS A 28 -25.37 1.22 -8.66
CA LYS A 28 -24.50 0.30 -7.96
C LYS A 28 -23.46 1.11 -7.19
N ILE A 29 -23.01 0.59 -6.05
CA ILE A 29 -22.03 1.28 -5.22
C ILE A 29 -20.71 0.53 -5.19
N ASP A 30 -19.66 1.17 -5.70
CA ASP A 30 -18.33 0.59 -5.75
C ASP A 30 -17.49 0.89 -4.52
N LEU A 31 -17.37 -0.10 -3.65
CA LEU A 31 -16.58 0.04 -2.43
C LEU A 31 -15.48 -1.04 -2.44
N GLY A 32 -15.07 -1.41 -3.65
CA GLY A 32 -14.05 -2.44 -3.79
C GLY A 32 -12.61 -1.97 -3.71
N MET A 33 -11.98 -1.76 -4.86
CA MET A 33 -10.59 -1.33 -4.92
C MET A 33 -10.35 -0.09 -4.06
N GLY A 34 -9.16 -0.01 -3.47
CA GLY A 34 -8.81 1.11 -2.62
C GLY A 34 -8.38 2.37 -3.34
N VAL A 35 -9.34 3.05 -3.97
CA VAL A 35 -9.07 4.28 -4.68
C VAL A 35 -9.83 5.40 -3.98
N TYR A 36 -9.25 6.58 -3.93
CA TYR A 36 -9.90 7.71 -3.29
C TYR A 36 -11.00 8.30 -4.18
N ASN A 37 -12.13 8.63 -3.56
CA ASN A 37 -13.25 9.27 -4.24
C ASN A 37 -13.50 10.58 -3.48
N ASP A 38 -13.92 11.62 -4.19
CA ASP A 38 -14.23 12.88 -3.52
C ASP A 38 -15.71 12.81 -3.16
N GLU A 39 -16.25 13.90 -2.61
CA GLU A 39 -17.65 13.92 -2.22
C GLU A 39 -18.62 13.67 -3.37
N THR A 40 -18.13 13.75 -4.60
CA THR A 40 -18.99 13.52 -5.75
C THR A 40 -18.84 12.11 -6.33
N GLY A 41 -18.09 11.25 -5.65
CA GLY A 41 -17.92 9.89 -6.15
C GLY A 41 -17.01 9.80 -7.37
N LYS A 42 -16.10 10.76 -7.49
CA LYS A 42 -15.16 10.80 -8.60
C LYS A 42 -13.74 10.67 -8.06
N THR A 43 -12.86 10.11 -8.88
CA THR A 43 -11.47 9.98 -8.48
C THR A 43 -10.74 11.01 -9.32
N PRO A 44 -10.66 12.26 -8.82
CA PRO A 44 -10.03 13.37 -9.52
C PRO A 44 -8.52 13.41 -9.53
N VAL A 45 -7.98 14.20 -10.46
CA VAL A 45 -6.55 14.40 -10.59
C VAL A 45 -6.26 15.54 -9.63
N LEU A 46 -5.25 15.39 -8.78
CA LEU A 46 -4.92 16.45 -7.85
C LEU A 46 -4.55 17.71 -8.61
N THR A 47 -4.83 18.86 -8.01
CA THR A 47 -4.51 20.14 -8.61
C THR A 47 -3.00 20.31 -8.75
N SER A 48 -2.27 19.85 -7.75
CA SER A 48 -0.80 19.93 -7.76
C SER A 48 -0.25 19.10 -8.91
N VAL A 49 -0.91 17.98 -9.20
CA VAL A 49 -0.50 17.11 -10.29
C VAL A 49 -0.76 17.80 -11.63
N LYS A 50 -1.92 18.45 -11.75
CA LYS A 50 -2.24 19.14 -12.98
C LYS A 50 -1.21 20.23 -13.23
N LYS A 51 -0.82 20.93 -12.17
CA LYS A 51 0.18 22.00 -12.31
C LYS A 51 1.53 21.43 -12.73
N ALA A 52 1.94 20.31 -12.12
CA ALA A 52 3.21 19.68 -12.48
C ALA A 52 3.19 19.20 -13.93
N GLU A 53 2.06 18.63 -14.36
CA GLU A 53 1.94 18.12 -15.72
C GLU A 53 1.97 19.27 -16.73
N GLN A 54 1.51 20.44 -16.28
CA GLN A 54 1.51 21.63 -17.10
C GLN A 54 2.98 22.03 -17.31
N TYR A 55 3.71 22.05 -16.20
CA TYR A 55 5.12 22.40 -16.22
C TYR A 55 5.91 21.46 -17.13
N LEU A 56 5.62 20.16 -17.04
CA LEU A 56 6.33 19.19 -17.87
C LEU A 56 6.03 19.40 -19.34
N LEU A 57 4.78 19.70 -19.66
CA LEU A 57 4.39 19.91 -21.05
C LEU A 57 5.17 21.05 -21.71
N GLU A 58 5.49 22.08 -20.93
CA GLU A 58 6.20 23.24 -21.45
C GLU A 58 7.72 23.13 -21.38
N ASN A 59 8.25 22.34 -20.46
CA ASN A 59 9.70 22.23 -20.33
C ASN A 59 10.36 20.96 -20.82
N GLU A 60 9.59 19.89 -21.01
CA GLU A 60 10.18 18.64 -21.49
C GLU A 60 10.69 18.81 -22.92
N THR A 61 11.95 18.48 -23.15
CA THR A 61 12.52 18.58 -24.49
C THR A 61 12.86 17.22 -25.09
N THR A 62 12.69 16.15 -24.32
CA THR A 62 12.99 14.82 -24.82
C THR A 62 12.31 13.71 -24.02
N LYS A 63 12.19 12.54 -24.64
CA LYS A 63 11.61 11.40 -23.96
C LYS A 63 12.60 10.23 -24.06
N ASN A 64 13.88 10.59 -24.24
CA ASN A 64 14.95 9.60 -24.35
C ASN A 64 14.94 8.75 -23.07
N TYR A 65 15.31 7.48 -23.21
CA TYR A 65 15.32 6.54 -22.09
C TYR A 65 15.92 7.07 -20.79
N LEU A 66 15.28 6.70 -19.68
CA LEU A 66 15.81 7.04 -18.38
C LEU A 66 16.76 5.89 -18.12
N GLY A 67 17.60 6.03 -17.10
CA GLY A 67 18.51 4.94 -16.77
C GLY A 67 17.67 3.82 -16.18
N ILE A 68 18.28 2.65 -16.01
CA ILE A 68 17.58 1.49 -15.46
C ILE A 68 16.85 1.79 -14.16
N ASP A 69 17.50 2.58 -13.29
CA ASP A 69 16.92 2.92 -12.01
C ASP A 69 16.02 4.17 -11.99
N GLY A 70 15.76 4.74 -13.16
CA GLY A 70 14.87 5.90 -13.24
C GLY A 70 15.43 7.28 -12.94
N ILE A 71 14.54 8.22 -12.67
CA ILE A 71 14.90 9.61 -12.38
C ILE A 71 15.67 9.77 -11.08
N PRO A 72 16.93 10.21 -11.16
CA PRO A 72 17.74 10.40 -9.95
C PRO A 72 17.08 11.27 -8.88
N GLU A 73 16.48 12.39 -9.29
CA GLU A 73 15.80 13.28 -8.34
C GLU A 73 14.69 12.54 -7.61
N PHE A 74 13.95 11.72 -8.36
CA PHE A 74 12.85 10.94 -7.82
C PHE A 74 13.33 10.06 -6.67
N GLY A 75 14.48 9.40 -6.87
CA GLY A 75 15.03 8.54 -5.84
C GLY A 75 15.46 9.32 -4.61
N ARG A 76 16.03 10.50 -4.83
CA ARG A 76 16.49 11.35 -3.73
C ARG A 76 15.28 11.72 -2.86
N CYS A 77 14.25 12.30 -3.48
CA CYS A 77 13.04 12.70 -2.78
C CYS A 77 12.34 11.55 -2.07
N THR A 78 12.40 10.35 -2.65
CA THR A 78 11.77 9.18 -2.05
C THR A 78 12.51 8.78 -0.77
N GLN A 79 13.83 8.86 -0.80
CA GLN A 79 14.61 8.50 0.38
C GLN A 79 14.40 9.51 1.50
N GLU A 80 14.28 10.78 1.16
CA GLU A 80 14.06 11.80 2.17
C GLU A 80 12.68 11.58 2.81
N LEU A 81 11.69 11.28 1.97
CA LEU A 81 10.34 11.06 2.43
C LEU A 81 10.23 9.84 3.34
N LEU A 82 11.07 8.84 3.10
CA LEU A 82 11.04 7.62 3.88
C LEU A 82 11.85 7.66 5.18
N PHE A 83 13.11 8.05 5.06
CA PHE A 83 14.01 8.07 6.21
C PHE A 83 14.21 9.40 6.94
N GLY A 84 13.72 10.50 6.37
CA GLY A 84 13.90 11.78 7.00
C GLY A 84 14.99 12.58 6.31
N LYS A 85 14.70 13.85 6.03
CA LYS A 85 15.60 14.76 5.34
C LYS A 85 17.10 14.68 5.66
N GLY A 86 17.45 14.40 6.91
CA GLY A 86 18.86 14.34 7.27
C GLY A 86 19.34 13.01 7.83
N SER A 87 18.60 11.94 7.54
CA SER A 87 18.92 10.60 8.01
C SER A 87 20.35 10.16 7.75
N ALA A 88 20.85 9.25 8.60
CA ALA A 88 22.20 8.73 8.47
C ALA A 88 22.30 7.79 7.28
N LEU A 89 21.21 7.08 6.96
CA LEU A 89 21.21 6.18 5.83
C LEU A 89 21.57 6.93 4.57
N ILE A 90 21.04 8.14 4.45
CA ILE A 90 21.31 8.97 3.29
C ILE A 90 22.72 9.55 3.36
N ASN A 91 23.11 10.02 4.53
CA ASN A 91 24.44 10.61 4.71
C ASN A 91 25.52 9.56 4.42
N ASP A 92 25.33 8.37 4.96
CA ASP A 92 26.29 7.29 4.76
C ASP A 92 26.15 6.58 3.42
N LYS A 93 25.27 7.08 2.55
CA LYS A 93 25.05 6.48 1.23
C LYS A 93 24.79 4.97 1.33
N ARG A 94 23.99 4.58 2.30
CA ARG A 94 23.67 3.17 2.51
C ARG A 94 22.42 2.71 1.78
N ALA A 95 21.75 3.61 1.06
CA ALA A 95 20.52 3.26 0.37
C ALA A 95 20.51 3.64 -1.11
N ARG A 96 19.91 2.77 -1.92
CA ARG A 96 19.78 2.98 -3.35
C ARG A 96 18.32 2.75 -3.70
N THR A 97 17.78 3.60 -4.58
CA THR A 97 16.39 3.50 -4.96
C THR A 97 16.17 3.41 -6.45
N ALA A 98 15.35 2.44 -6.85
CA ALA A 98 15.01 2.26 -8.24
C ALA A 98 13.55 2.64 -8.39
N GLN A 99 13.27 3.50 -9.36
CA GLN A 99 11.92 3.92 -9.66
C GLN A 99 11.28 2.69 -10.32
N THR A 100 10.04 2.38 -9.96
CA THR A 100 9.37 1.20 -10.51
C THR A 100 7.95 1.46 -10.96
N PRO A 101 7.37 0.54 -11.73
CA PRO A 101 5.99 0.73 -12.18
C PRO A 101 5.04 0.36 -11.07
N GLY A 102 4.82 1.31 -10.15
CA GLY A 102 3.93 1.11 -9.02
C GLY A 102 4.58 0.36 -7.86
N GLY A 103 3.87 0.33 -6.74
CA GLY A 103 4.38 -0.39 -5.58
C GLY A 103 4.40 -1.88 -5.87
N THR A 104 3.42 -2.35 -6.64
CA THR A 104 3.35 -3.76 -7.00
C THR A 104 4.58 -4.12 -7.81
N GLY A 105 4.92 -3.27 -8.77
CA GLY A 105 6.10 -3.52 -9.59
C GLY A 105 7.34 -3.58 -8.72
N ALA A 106 7.39 -2.74 -7.69
CA ALA A 106 8.53 -2.70 -6.79
C ALA A 106 8.63 -4.02 -6.02
N LEU A 107 7.49 -4.59 -5.66
CA LEU A 107 7.45 -5.85 -4.93
C LEU A 107 7.97 -6.99 -5.80
N ARG A 108 7.65 -6.93 -7.10
CA ARG A 108 8.07 -7.94 -8.06
C ARG A 108 9.58 -7.86 -8.27
N VAL A 109 10.10 -6.64 -8.33
CA VAL A 109 11.54 -6.45 -8.51
C VAL A 109 12.25 -6.99 -7.26
N ALA A 110 11.70 -6.68 -6.10
CA ALA A 110 12.29 -7.15 -4.85
C ALA A 110 12.32 -8.67 -4.83
N ALA A 111 11.19 -9.27 -5.22
CA ALA A 111 11.07 -10.72 -5.25
C ALA A 111 12.07 -11.40 -6.20
N ASP A 112 12.17 -10.90 -7.43
CA ASP A 112 13.09 -11.49 -8.41
C ASP A 112 14.52 -11.34 -7.88
N PHE A 113 14.80 -10.17 -7.32
CA PHE A 113 16.12 -9.85 -6.76
C PHE A 113 16.51 -10.87 -5.68
N LEU A 114 15.65 -11.03 -4.68
CA LEU A 114 15.89 -11.96 -3.58
C LEU A 114 16.03 -13.41 -4.05
N ALA A 115 15.09 -13.86 -4.87
CA ALA A 115 15.09 -15.24 -5.36
C ALA A 115 16.36 -15.63 -6.10
N LYS A 116 16.85 -14.73 -6.93
CA LYS A 116 18.05 -14.99 -7.72
C LYS A 116 19.38 -14.67 -7.04
N ASN A 117 19.39 -13.70 -6.13
CA ASN A 117 20.65 -13.33 -5.51
C ASN A 117 20.92 -13.66 -4.06
N THR A 118 19.93 -14.21 -3.34
CA THR A 118 20.14 -14.54 -1.94
C THR A 118 19.69 -15.95 -1.62
N SER A 119 19.88 -16.33 -0.36
CA SER A 119 19.49 -17.64 0.13
C SER A 119 18.05 -17.66 0.64
N VAL A 120 17.36 -16.52 0.59
CA VAL A 120 15.98 -16.46 1.06
C VAL A 120 15.13 -17.54 0.39
N LYS A 121 14.30 -18.19 1.18
CA LYS A 121 13.42 -19.24 0.66
C LYS A 121 12.00 -18.97 1.11
N ARG A 122 11.85 -18.22 2.19
CA ARG A 122 10.54 -17.91 2.75
C ARG A 122 10.28 -16.44 3.02
N VAL A 123 9.04 -16.05 2.81
CA VAL A 123 8.60 -14.68 3.07
C VAL A 123 7.39 -14.80 3.99
N TRP A 124 7.36 -14.03 5.07
CA TRP A 124 6.23 -14.07 5.99
C TRP A 124 5.31 -12.88 5.81
N VAL A 125 4.02 -13.15 5.64
CA VAL A 125 3.03 -12.11 5.48
C VAL A 125 1.93 -12.31 6.51
N SER A 126 1.29 -11.21 6.90
CA SER A 126 0.24 -11.25 7.90
C SER A 126 -1.06 -11.84 7.38
N ASN A 127 -1.87 -12.33 8.30
CA ASN A 127 -3.17 -12.90 7.98
C ASN A 127 -4.13 -12.41 9.06
N PRO A 128 -5.16 -11.63 8.68
CA PRO A 128 -5.46 -11.20 7.32
C PRO A 128 -4.37 -10.35 6.69
N GLY A 129 -4.35 -10.31 5.37
CA GLY A 129 -3.35 -9.54 4.67
C GLY A 129 -3.87 -9.09 3.31
N TRP A 130 -2.94 -8.78 2.42
CA TRP A 130 -3.26 -8.33 1.08
C TRP A 130 -2.88 -9.49 0.15
N PRO A 131 -3.89 -10.10 -0.51
CA PRO A 131 -3.70 -11.24 -1.41
C PRO A 131 -2.59 -11.15 -2.47
N THR A 132 -2.37 -9.96 -3.01
CA THR A 132 -1.34 -9.77 -4.02
C THR A 132 0.06 -10.14 -3.54
N HIS A 133 0.30 -10.02 -2.23
CA HIS A 133 1.61 -10.36 -1.69
C HIS A 133 1.96 -11.83 -1.94
N LYS A 134 1.06 -12.73 -1.56
CA LYS A 134 1.31 -14.14 -1.75
C LYS A 134 1.53 -14.44 -3.23
N SER A 135 0.66 -13.89 -4.07
CA SER A 135 0.73 -14.11 -5.51
C SER A 135 2.06 -13.67 -6.14
N VAL A 136 2.54 -12.49 -5.76
CA VAL A 136 3.79 -12.00 -6.33
C VAL A 136 5.00 -12.82 -5.90
N PHE A 137 5.16 -13.02 -4.60
CA PHE A 137 6.30 -13.79 -4.11
C PHE A 137 6.26 -15.24 -4.61
N ASN A 138 5.07 -15.84 -4.62
CA ASN A 138 4.94 -17.20 -5.13
C ASN A 138 5.39 -17.30 -6.57
N SER A 139 5.07 -16.29 -7.37
CA SER A 139 5.45 -16.30 -8.79
C SER A 139 6.96 -16.23 -8.97
N ALA A 140 7.65 -15.67 -7.98
CA ALA A 140 9.10 -15.56 -8.03
C ALA A 140 9.75 -16.84 -7.51
N GLY A 141 8.93 -17.79 -7.08
CA GLY A 141 9.44 -19.06 -6.59
C GLY A 141 9.72 -19.13 -5.09
N LEU A 142 9.21 -18.16 -4.34
CA LEU A 142 9.42 -18.16 -2.90
C LEU A 142 8.17 -18.66 -2.20
N GLU A 143 8.32 -19.39 -1.10
CA GLU A 143 7.14 -19.87 -0.40
C GLU A 143 6.71 -18.79 0.60
N VAL A 144 5.40 -18.68 0.80
CA VAL A 144 4.86 -17.70 1.70
C VAL A 144 4.24 -18.34 2.94
N ARG A 145 4.64 -17.85 4.10
CA ARG A 145 4.11 -18.35 5.37
C ARG A 145 3.34 -17.18 5.97
N GLU A 146 2.37 -17.47 6.82
CA GLU A 146 1.56 -16.40 7.41
C GLU A 146 1.74 -16.28 8.92
N TYR A 147 1.62 -15.06 9.44
CA TYR A 147 1.73 -14.83 10.86
C TYR A 147 0.47 -14.12 11.34
N ALA A 148 -0.05 -14.55 12.50
CA ALA A 148 -1.25 -13.97 13.09
C ALA A 148 -1.06 -12.47 13.28
N TYR A 149 -2.15 -11.73 13.35
CA TYR A 149 -2.03 -10.28 13.48
C TYR A 149 -3.24 -9.57 14.11
N TYR A 150 -4.43 -10.02 13.76
CA TYR A 150 -5.67 -9.38 14.19
C TYR A 150 -6.48 -10.09 15.28
N ASP A 151 -6.96 -9.32 16.25
CA ASP A 151 -7.82 -9.86 17.31
C ASP A 151 -9.23 -9.60 16.80
N ALA A 152 -9.80 -10.60 16.14
CA ALA A 152 -11.14 -10.50 15.54
C ALA A 152 -12.30 -10.06 16.45
N GLU A 153 -12.21 -10.31 17.74
CA GLU A 153 -13.30 -9.93 18.62
C GLU A 153 -13.12 -8.57 19.28
N ASN A 154 -11.89 -8.25 19.68
CA ASN A 154 -11.61 -6.96 20.31
C ASN A 154 -11.30 -5.90 19.26
N HIS A 155 -11.04 -6.35 18.04
CA HIS A 155 -10.73 -5.45 16.94
C HIS A 155 -9.48 -4.63 17.23
N THR A 156 -8.41 -5.33 17.59
CA THR A 156 -7.14 -4.71 17.89
C THR A 156 -6.02 -5.61 17.38
N LEU A 157 -4.79 -5.11 17.43
CA LEU A 157 -3.66 -5.88 16.99
C LEU A 157 -3.39 -6.92 18.08
N ASP A 158 -3.31 -8.19 17.71
CA ASP A 158 -3.02 -9.22 18.70
C ASP A 158 -1.51 -9.35 18.77
N PHE A 159 -0.86 -8.39 19.44
CA PHE A 159 0.59 -8.40 19.52
C PHE A 159 1.17 -9.73 20.00
N ASP A 160 0.55 -10.33 21.01
CA ASP A 160 1.03 -11.61 21.51
C ASP A 160 0.99 -12.70 20.44
N ALA A 161 -0.13 -12.83 19.75
CA ALA A 161 -0.24 -13.85 18.70
C ALA A 161 0.75 -13.55 17.57
N LEU A 162 1.02 -12.28 17.33
CA LEU A 162 1.95 -11.89 16.28
C LEU A 162 3.34 -12.44 16.63
N ILE A 163 3.81 -12.10 17.82
CA ILE A 163 5.12 -12.55 18.29
C ILE A 163 5.24 -14.07 18.34
N ASN A 164 4.16 -14.75 18.74
CA ASN A 164 4.18 -16.20 18.83
C ASN A 164 4.33 -16.84 17.46
N SER A 165 3.63 -16.27 16.47
CA SER A 165 3.69 -16.78 15.10
C SER A 165 5.06 -16.54 14.50
N LEU A 166 5.59 -15.34 14.68
CA LEU A 166 6.90 -14.98 14.13
C LEU A 166 8.07 -15.73 14.74
N ASN A 167 7.83 -16.40 15.87
CA ASN A 167 8.90 -17.17 16.50
C ASN A 167 9.28 -18.36 15.65
N GLU A 168 8.42 -18.70 14.70
CA GLU A 168 8.68 -19.83 13.80
C GLU A 168 9.51 -19.40 12.58
N ALA A 169 9.72 -18.09 12.45
CA ALA A 169 10.50 -17.56 11.33
C ALA A 169 11.98 -17.61 11.70
N GLN A 170 12.78 -18.26 10.87
CA GLN A 170 14.20 -18.42 11.13
C GLN A 170 15.07 -17.32 10.50
N ALA A 171 16.29 -17.20 11.01
CA ALA A 171 17.22 -16.21 10.49
C ALA A 171 17.34 -16.39 8.98
N GLY A 172 17.32 -15.29 8.24
CA GLY A 172 17.41 -15.39 6.80
C GLY A 172 16.07 -15.30 6.11
N ASP A 173 14.99 -15.40 6.90
CA ASP A 173 13.63 -15.31 6.39
C ASP A 173 13.25 -13.85 6.21
N VAL A 174 12.41 -13.59 5.22
CA VAL A 174 11.96 -12.23 5.00
C VAL A 174 10.63 -12.06 5.73
N VAL A 175 10.46 -10.92 6.38
CA VAL A 175 9.23 -10.62 7.09
C VAL A 175 8.67 -9.34 6.50
N LEU A 176 7.46 -9.43 5.97
CA LEU A 176 6.82 -8.27 5.34
C LEU A 176 5.87 -7.53 6.28
N PHE A 177 6.17 -6.25 6.48
CA PHE A 177 5.36 -5.39 7.33
C PHE A 177 4.73 -4.29 6.47
N HIS A 178 3.49 -3.94 6.80
CA HIS A 178 2.81 -2.85 6.13
C HIS A 178 3.30 -1.61 6.89
N GLY A 179 3.79 -0.60 6.18
CA GLY A 179 4.31 0.59 6.83
C GLY A 179 3.34 1.35 7.71
N CYS A 180 2.11 1.46 7.24
CA CYS A 180 1.04 2.13 7.98
C CYS A 180 -0.24 1.76 7.25
N CYS A 181 -1.39 2.04 7.86
CA CYS A 181 -2.67 1.69 7.24
C CYS A 181 -2.66 0.25 6.76
N HIS A 182 -2.44 -0.67 7.69
CA HIS A 182 -2.44 -2.10 7.38
C HIS A 182 -3.66 -2.47 6.53
N ASN A 183 -3.42 -3.16 5.41
CA ASN A 183 -4.47 -3.58 4.49
C ASN A 183 -4.72 -5.06 4.78
N PRO A 184 -5.97 -5.41 5.15
CA PRO A 184 -7.16 -4.57 5.32
C PRO A 184 -7.58 -4.09 6.72
N THR A 185 -6.95 -4.58 7.78
CA THR A 185 -7.39 -4.23 9.13
C THR A 185 -7.35 -2.76 9.55
N GLY A 186 -6.42 -1.99 9.03
CA GLY A 186 -6.34 -0.59 9.41
C GLY A 186 -5.79 -0.41 10.82
N ILE A 187 -5.28 -1.49 11.40
CA ILE A 187 -4.72 -1.46 12.74
C ILE A 187 -3.20 -1.53 12.61
N ASP A 188 -2.50 -0.52 13.12
CA ASP A 188 -1.04 -0.48 13.04
C ASP A 188 -0.36 -0.57 14.42
N PRO A 189 0.88 -1.04 14.45
CA PRO A 189 1.57 -1.13 15.73
C PRO A 189 1.80 0.28 16.27
N THR A 190 1.87 0.42 17.59
CA THR A 190 2.13 1.73 18.19
C THR A 190 3.65 1.85 18.02
N LEU A 191 4.21 3.02 18.29
CA LEU A 191 5.65 3.19 18.15
C LEU A 191 6.41 2.24 19.07
N GLU A 192 5.86 1.99 20.26
CA GLU A 192 6.51 1.09 21.21
C GLU A 192 6.54 -0.34 20.68
N GLN A 193 5.47 -0.74 20.00
CA GLN A 193 5.41 -2.09 19.44
C GLN A 193 6.36 -2.23 18.27
N TRP A 194 6.47 -1.18 17.46
CA TRP A 194 7.37 -1.16 16.32
C TRP A 194 8.79 -1.34 16.86
N GLN A 195 9.11 -0.60 17.92
CA GLN A 195 10.44 -0.67 18.52
C GLN A 195 10.74 -2.06 19.03
N THR A 196 9.74 -2.73 19.59
CA THR A 196 9.95 -4.08 20.09
C THR A 196 10.17 -5.01 18.91
N LEU A 197 9.41 -4.82 17.84
CA LEU A 197 9.54 -5.66 16.65
C LEU A 197 10.91 -5.43 16.00
N ALA A 198 11.37 -4.18 16.02
CA ALA A 198 12.66 -3.85 15.42
C ALA A 198 13.77 -4.60 16.14
N GLN A 199 13.72 -4.61 17.47
CA GLN A 199 14.73 -5.30 18.27
C GLN A 199 14.65 -6.80 18.07
N LEU A 200 13.43 -7.33 18.09
CA LEU A 200 13.23 -8.75 17.91
C LEU A 200 13.76 -9.19 16.54
N SER A 201 13.49 -8.37 15.53
CA SER A 201 13.93 -8.66 14.17
C SER A 201 15.46 -8.79 14.10
N VAL A 202 16.17 -7.82 14.67
CA VAL A 202 17.62 -7.84 14.68
C VAL A 202 18.15 -9.12 15.33
N GLU A 203 17.59 -9.49 16.47
CA GLU A 203 18.01 -10.69 17.20
C GLU A 203 17.72 -12.01 16.48
N LYS A 204 16.61 -12.08 15.75
CA LYS A 204 16.24 -13.30 15.04
C LYS A 204 16.90 -13.37 13.65
N GLY A 205 17.44 -12.24 13.21
CA GLY A 205 18.09 -12.21 11.91
C GLY A 205 17.14 -12.20 10.73
N TRP A 206 16.00 -11.54 10.87
CA TRP A 206 15.04 -11.46 9.79
C TRP A 206 15.47 -10.33 8.86
N LEU A 207 15.01 -10.37 7.62
CA LEU A 207 15.29 -9.32 6.64
C LEU A 207 13.95 -8.63 6.47
N PRO A 208 13.78 -7.44 7.07
CA PRO A 208 12.51 -6.73 6.95
C PRO A 208 12.26 -6.18 5.54
N LEU A 209 11.03 -6.33 5.09
CA LEU A 209 10.62 -5.81 3.79
C LEU A 209 9.36 -5.00 4.07
N PHE A 210 9.40 -3.70 3.81
CA PHE A 210 8.25 -2.86 4.08
C PHE A 210 7.45 -2.53 2.83
N ASP A 211 6.13 -2.70 2.91
CA ASP A 211 5.24 -2.35 1.82
C ASP A 211 4.65 -1.04 2.35
N PHE A 212 4.96 0.06 1.68
CA PHE A 212 4.54 1.38 2.11
C PHE A 212 3.71 2.06 1.02
N ALA A 213 2.41 1.79 1.00
CA ALA A 213 1.56 2.36 -0.03
C ALA A 213 0.64 3.48 0.46
N TYR A 214 0.61 3.73 1.76
CA TYR A 214 -0.29 4.76 2.28
C TYR A 214 0.36 5.82 3.17
N GLN A 215 1.62 6.15 2.91
CA GLN A 215 2.27 7.16 3.73
C GLN A 215 1.46 8.44 3.67
N GLY A 216 1.05 8.93 4.84
CA GLY A 216 0.27 10.15 4.89
C GLY A 216 -1.21 9.96 5.20
N PHE A 217 -1.72 8.75 5.03
CA PHE A 217 -3.14 8.47 5.27
C PHE A 217 -3.50 8.05 6.70
N ALA A 218 -2.51 7.85 7.56
CA ALA A 218 -2.80 7.46 8.93
C ALA A 218 -2.88 8.71 9.82
N ARG A 219 -1.73 9.33 10.04
CA ARG A 219 -1.67 10.54 10.85
C ARG A 219 -1.00 11.67 10.06
N GLY A 220 0.13 11.35 9.43
CA GLY A 220 0.85 12.33 8.65
C GLY A 220 2.06 11.72 7.97
N LEU A 221 2.63 12.44 7.00
CA LEU A 221 3.80 11.96 6.27
C LEU A 221 4.92 11.48 7.16
N GLU A 222 5.36 12.32 8.09
CA GLU A 222 6.45 11.96 8.99
C GLU A 222 6.05 10.94 10.04
N GLU A 223 4.90 11.14 10.67
CA GLU A 223 4.43 10.23 11.70
C GLU A 223 4.25 8.81 11.16
N ASP A 224 3.71 8.70 9.95
CA ASP A 224 3.47 7.40 9.34
C ASP A 224 4.72 6.62 9.02
N ALA A 225 5.87 7.30 9.00
CA ALA A 225 7.13 6.63 8.70
C ALA A 225 7.96 6.32 9.94
N GLU A 226 7.40 6.54 11.13
CA GLU A 226 8.17 6.28 12.35
C GLU A 226 8.48 4.81 12.60
N GLY A 227 7.59 3.92 12.17
CA GLY A 227 7.84 2.50 12.36
C GLY A 227 9.03 2.10 11.51
N LEU A 228 8.95 2.42 10.22
CA LEU A 228 10.03 2.12 9.28
C LEU A 228 11.35 2.69 9.80
N ARG A 229 11.31 3.93 10.27
CA ARG A 229 12.50 4.59 10.78
C ARG A 229 13.06 3.92 12.01
N ALA A 230 12.19 3.32 12.83
CA ALA A 230 12.65 2.62 14.02
C ALA A 230 13.45 1.42 13.55
N PHE A 231 12.98 0.79 12.49
CA PHE A 231 13.68 -0.37 11.93
C PHE A 231 15.00 0.04 11.29
N ALA A 232 14.97 1.10 10.49
CA ALA A 232 16.16 1.58 9.79
C ALA A 232 17.28 1.97 10.74
N ALA A 233 16.93 2.29 11.98
CA ALA A 233 17.90 2.70 12.97
C ALA A 233 18.71 1.54 13.53
N MET A 234 18.11 0.35 13.56
CA MET A 234 18.80 -0.82 14.12
C MET A 234 19.22 -1.86 13.11
N HIS A 235 18.71 -1.77 11.89
CA HIS A 235 19.05 -2.76 10.88
C HIS A 235 20.18 -2.35 9.93
N LYS A 236 20.96 -3.34 9.55
CA LYS A 236 22.07 -3.13 8.63
C LYS A 236 21.52 -3.23 7.20
N GLU A 237 20.49 -4.06 7.02
CA GLU A 237 19.89 -4.27 5.72
C GLU A 237 18.37 -4.32 5.77
N LEU A 238 17.74 -3.78 4.73
CA LEU A 238 16.28 -3.80 4.65
C LEU A 238 15.83 -3.40 3.25
N ILE A 239 14.56 -3.64 2.97
CA ILE A 239 14.01 -3.33 1.66
C ILE A 239 12.68 -2.62 1.83
N VAL A 240 12.45 -1.60 1.01
CA VAL A 240 11.21 -0.84 1.07
C VAL A 240 10.59 -0.70 -0.32
N ALA A 241 9.35 -1.17 -0.45
CA ALA A 241 8.61 -1.07 -1.70
C ALA A 241 7.55 -0.02 -1.38
N SER A 242 7.68 1.15 -1.99
CA SER A 242 6.72 2.22 -1.73
C SER A 242 5.93 2.56 -2.98
N SER A 243 4.81 3.24 -2.78
CA SER A 243 3.94 3.62 -3.88
C SER A 243 3.41 5.03 -3.74
N TYR A 244 3.21 5.67 -4.88
CA TYR A 244 2.67 7.02 -4.91
C TYR A 244 1.29 7.00 -5.55
N SER A 245 0.78 5.79 -5.81
CA SER A 245 -0.54 5.63 -6.42
C SER A 245 -1.65 6.33 -5.62
N LYS A 246 -1.66 6.10 -4.31
CA LYS A 246 -2.70 6.68 -3.47
C LYS A 246 -2.44 8.10 -2.95
N ASN A 247 -1.26 8.36 -2.38
CA ASN A 247 -1.00 9.71 -1.87
C ASN A 247 -0.85 10.79 -2.94
N PHE A 248 -0.72 10.40 -4.21
CA PHE A 248 -0.65 11.41 -5.27
C PHE A 248 -1.79 11.24 -6.27
N GLY A 249 -2.62 10.22 -6.05
CA GLY A 249 -3.72 9.96 -6.97
C GLY A 249 -3.20 9.71 -8.38
N LEU A 250 -2.06 9.04 -8.48
CA LEU A 250 -1.42 8.72 -9.76
C LEU A 250 -1.51 7.24 -10.10
N TYR A 251 -2.59 6.61 -9.64
CA TYR A 251 -2.84 5.18 -9.86
C TYR A 251 -2.36 4.59 -11.19
N ASN A 252 -2.95 5.06 -12.28
CA ASN A 252 -2.64 4.53 -13.60
C ASN A 252 -1.31 4.91 -14.25
N GLU A 253 -0.52 5.73 -13.58
CA GLU A 253 0.76 6.14 -14.14
C GLU A 253 1.89 5.25 -13.63
N ARG A 254 1.53 4.34 -12.72
CA ARG A 254 2.45 3.38 -12.13
C ARG A 254 3.74 4.00 -11.58
N VAL A 255 3.59 4.69 -10.45
CA VAL A 255 4.72 5.37 -9.82
C VAL A 255 5.04 4.73 -8.48
N GLY A 256 6.16 4.02 -8.43
CA GLY A 256 6.58 3.34 -7.23
C GLY A 256 8.09 3.40 -7.09
N ALA A 257 8.59 2.75 -6.04
CA ALA A 257 10.02 2.74 -5.79
C ALA A 257 10.37 1.54 -4.93
N CYS A 258 11.52 0.94 -5.23
CA CYS A 258 12.03 -0.18 -4.49
C CYS A 258 13.35 0.35 -3.93
N THR A 259 13.44 0.46 -2.62
CA THR A 259 14.64 0.98 -1.99
C THR A 259 15.39 -0.12 -1.28
N LEU A 260 16.69 -0.20 -1.55
CA LEU A 260 17.53 -1.23 -0.97
C LEU A 260 18.51 -0.57 -0.01
N VAL A 261 18.65 -1.15 1.18
CA VAL A 261 19.58 -0.64 2.19
C VAL A 261 20.58 -1.73 2.60
N ALA A 262 21.86 -1.36 2.67
CA ALA A 262 22.89 -2.31 3.07
C ALA A 262 23.78 -1.71 4.16
N ALA A 263 24.64 -2.56 4.72
CA ALA A 263 25.55 -2.14 5.78
C ALA A 263 26.37 -0.92 5.38
N ASP A 264 26.86 -0.91 4.16
CA ASP A 264 27.68 0.21 3.70
C ASP A 264 27.43 0.57 2.23
N SER A 265 28.05 1.67 1.80
CA SER A 265 27.93 2.15 0.44
C SER A 265 28.45 1.14 -0.58
N GLU A 266 29.55 0.48 -0.24
CA GLU A 266 30.16 -0.50 -1.13
C GLU A 266 29.22 -1.68 -1.37
N THR A 267 28.68 -2.23 -0.29
CA THR A 267 27.78 -3.38 -0.38
C THR A 267 26.47 -3.08 -1.11
N VAL A 268 25.82 -1.97 -0.77
CA VAL A 268 24.56 -1.62 -1.40
C VAL A 268 24.73 -1.41 -2.92
N ASP A 269 25.85 -0.83 -3.33
CA ASP A 269 26.11 -0.60 -4.75
C ASP A 269 26.27 -1.92 -5.50
N ARG A 270 26.90 -2.89 -4.86
CA ARG A 270 27.10 -4.20 -5.48
C ARG A 270 25.75 -4.91 -5.57
N ALA A 271 25.00 -4.89 -4.48
CA ALA A 271 23.69 -5.54 -4.44
C ALA A 271 22.73 -4.85 -5.43
N PHE A 272 22.72 -3.53 -5.40
CA PHE A 272 21.85 -2.77 -6.29
C PHE A 272 22.11 -3.08 -7.78
N SER A 273 23.36 -3.37 -8.13
CA SER A 273 23.67 -3.67 -9.53
C SER A 273 22.86 -4.91 -9.96
N GLN A 274 22.67 -5.83 -9.02
CA GLN A 274 21.90 -7.05 -9.33
C GLN A 274 20.41 -6.73 -9.39
N MET A 275 19.97 -5.73 -8.65
CA MET A 275 18.57 -5.34 -8.68
C MET A 275 18.32 -4.74 -10.06
N LYS A 276 19.26 -3.95 -10.53
CA LYS A 276 19.13 -3.35 -11.86
C LYS A 276 19.10 -4.46 -12.92
N ALA A 277 19.86 -5.53 -12.71
CA ALA A 277 19.87 -6.63 -13.68
C ALA A 277 18.49 -7.29 -13.73
N ALA A 278 17.80 -7.35 -12.58
CA ALA A 278 16.47 -7.94 -12.51
C ALA A 278 15.46 -7.06 -13.25
N ILE A 279 15.70 -5.75 -13.24
CA ILE A 279 14.82 -4.80 -13.92
C ILE A 279 15.05 -4.85 -15.44
N ARG A 280 16.31 -4.93 -15.83
CA ARG A 280 16.69 -4.98 -17.24
C ARG A 280 15.99 -6.11 -17.99
N VAL A 281 15.84 -7.26 -17.35
CA VAL A 281 15.19 -8.38 -18.03
C VAL A 281 13.69 -8.40 -17.80
N ASN A 282 13.15 -7.32 -17.23
CA ASN A 282 11.72 -7.22 -17.01
C ASN A 282 11.16 -6.15 -17.96
N TYR A 283 11.16 -4.89 -17.54
CA TYR A 283 10.65 -3.81 -18.38
C TYR A 283 11.74 -2.83 -18.86
N SER A 284 13.00 -3.15 -18.56
CA SER A 284 14.17 -2.36 -18.95
C SER A 284 14.37 -1.06 -18.15
N SER A 285 13.52 -0.07 -18.37
CA SER A 285 13.60 1.21 -17.65
C SER A 285 12.15 1.63 -17.31
N PRO A 286 11.95 2.45 -16.26
CA PRO A 286 10.58 2.86 -15.89
C PRO A 286 9.92 4.00 -16.66
N PRO A 287 8.57 4.13 -16.55
CA PRO A 287 7.82 5.17 -17.24
C PRO A 287 8.11 6.53 -16.60
N ALA A 288 8.43 7.50 -17.44
CA ALA A 288 8.80 8.83 -16.98
C ALA A 288 7.73 9.72 -16.38
N HIS A 289 6.60 9.87 -17.09
CA HIS A 289 5.56 10.78 -16.65
C HIS A 289 5.21 10.81 -15.17
N GLY A 290 4.60 9.73 -14.67
CA GLY A 290 4.21 9.68 -13.26
C GLY A 290 5.30 10.11 -12.27
N ALA A 291 6.46 9.48 -12.38
CA ALA A 291 7.57 9.78 -11.50
C ALA A 291 8.06 11.23 -11.68
N SER A 292 8.01 11.74 -12.92
CA SER A 292 8.44 13.11 -13.19
C SER A 292 7.54 14.07 -12.40
N VAL A 293 6.25 13.79 -12.41
CA VAL A 293 5.27 14.61 -11.69
C VAL A 293 5.66 14.63 -10.22
N VAL A 294 5.86 13.44 -9.64
CA VAL A 294 6.23 13.33 -8.24
C VAL A 294 7.48 14.13 -7.88
N ALA A 295 8.54 13.98 -8.66
CA ALA A 295 9.78 14.71 -8.40
C ALA A 295 9.59 16.22 -8.52
N THR A 296 8.78 16.65 -9.48
CA THR A 296 8.54 18.08 -9.67
C THR A 296 7.82 18.66 -8.46
N ILE A 297 6.78 17.98 -8.00
CA ILE A 297 6.02 18.43 -6.84
C ILE A 297 6.86 18.44 -5.57
N LEU A 298 7.55 17.35 -5.30
CA LEU A 298 8.34 17.25 -4.07
C LEU A 298 9.59 18.15 -4.04
N SER A 299 10.04 18.61 -5.19
CA SER A 299 11.23 19.47 -5.24
C SER A 299 10.88 20.95 -5.33
N ASN A 300 9.60 21.26 -5.52
CA ASN A 300 9.16 22.65 -5.61
C ASN A 300 8.33 23.04 -4.39
N ASP A 301 8.87 23.95 -3.58
CA ASP A 301 8.21 24.42 -2.36
C ASP A 301 6.73 24.74 -2.50
N ALA A 302 6.39 25.50 -3.54
CA ALA A 302 5.01 25.90 -3.78
C ALA A 302 4.12 24.71 -4.08
N LEU A 303 4.51 23.91 -5.08
CA LEU A 303 3.73 22.75 -5.45
C LEU A 303 3.61 21.77 -4.28
N ARG A 304 4.69 21.62 -3.52
CA ARG A 304 4.66 20.71 -2.39
C ARG A 304 3.63 21.14 -1.36
N ALA A 305 3.58 22.44 -1.08
CA ALA A 305 2.63 22.99 -0.12
C ALA A 305 1.21 22.63 -0.54
N ILE A 306 0.89 22.87 -1.82
CA ILE A 306 -0.43 22.55 -2.34
C ILE A 306 -0.71 21.05 -2.18
N TRP A 307 0.22 20.21 -2.64
CA TRP A 307 0.06 18.76 -2.55
C TRP A 307 -0.16 18.25 -1.12
N GLU A 308 0.63 18.74 -0.17
CA GLU A 308 0.46 18.31 1.21
C GLU A 308 -0.92 18.65 1.78
N GLN A 309 -1.51 19.73 1.30
CA GLN A 309 -2.83 20.14 1.79
C GLN A 309 -3.89 19.23 1.17
N GLU A 310 -3.71 18.90 -0.10
CA GLU A 310 -4.66 18.01 -0.78
C GLU A 310 -4.64 16.64 -0.09
N LEU A 311 -3.45 16.19 0.29
CA LEU A 311 -3.31 14.90 0.96
C LEU A 311 -4.07 14.97 2.28
N THR A 312 -3.85 16.06 3.02
CA THR A 312 -4.51 16.29 4.29
C THR A 312 -6.03 16.32 4.13
N ASP A 313 -6.50 16.90 3.04
CA ASP A 313 -7.94 16.96 2.78
C ASP A 313 -8.50 15.56 2.51
N MET A 314 -7.76 14.73 1.78
CA MET A 314 -8.22 13.37 1.48
C MET A 314 -8.32 12.59 2.79
N ARG A 315 -7.27 12.65 3.60
CA ARG A 315 -7.25 11.93 4.87
C ARG A 315 -8.44 12.36 5.73
N GLN A 316 -8.67 13.67 5.81
CA GLN A 316 -9.77 14.18 6.61
C GLN A 316 -11.17 13.83 6.08
N ARG A 317 -11.34 13.76 4.76
CA ARG A 317 -12.66 13.40 4.25
C ARG A 317 -12.98 11.96 4.63
N ILE A 318 -11.97 11.09 4.56
CA ILE A 318 -12.15 9.69 4.91
C ILE A 318 -12.55 9.57 6.39
N GLN A 319 -11.78 10.22 7.26
CA GLN A 319 -12.06 10.17 8.68
C GLN A 319 -13.46 10.71 8.96
N ARG A 320 -13.92 11.66 8.15
CA ARG A 320 -15.24 12.24 8.33
C ARG A 320 -16.31 11.22 7.93
N MET A 321 -16.08 10.51 6.83
CA MET A 321 -17.02 9.49 6.36
C MET A 321 -17.11 8.33 7.33
N ARG A 322 -16.04 8.06 8.09
CA ARG A 322 -16.07 6.96 9.04
C ARG A 322 -17.10 7.24 10.11
N GLN A 323 -17.08 8.46 10.64
CA GLN A 323 -18.03 8.87 11.67
C GLN A 323 -19.46 8.80 11.16
N LEU A 324 -19.70 9.39 9.98
CA LEU A 324 -21.03 9.39 9.37
C LEU A 324 -21.52 7.97 9.14
N PHE A 325 -20.63 7.10 8.69
CA PHE A 325 -20.97 5.70 8.43
C PHE A 325 -21.48 5.05 9.71
N VAL A 326 -20.72 5.18 10.79
CA VAL A 326 -21.12 4.61 12.07
C VAL A 326 -22.44 5.21 12.54
N ASN A 327 -22.55 6.53 12.50
CA ASN A 327 -23.75 7.22 12.93
C ASN A 327 -24.98 6.84 12.12
N THR A 328 -24.85 6.83 10.81
CA THR A 328 -25.96 6.47 9.95
C THR A 328 -26.37 5.01 10.19
N LEU A 329 -25.38 4.18 10.51
CA LEU A 329 -25.65 2.77 10.76
C LEU A 329 -26.55 2.61 12.00
N GLN A 330 -26.24 3.36 13.06
CA GLN A 330 -27.03 3.30 14.28
C GLN A 330 -28.45 3.82 14.09
N GLU A 331 -28.58 5.00 13.48
CA GLU A 331 -29.89 5.59 13.26
C GLU A 331 -30.68 4.85 12.18
N LYS A 332 -30.08 3.85 11.57
CA LYS A 332 -30.78 3.07 10.54
C LYS A 332 -31.30 1.75 11.10
N GLY A 333 -30.89 1.43 12.32
CA GLY A 333 -31.36 0.20 12.95
C GLY A 333 -30.35 -0.91 13.12
N ALA A 334 -29.08 -0.64 12.84
CA ALA A 334 -28.05 -1.66 12.98
C ALA A 334 -28.11 -2.28 14.37
N ASN A 335 -28.26 -3.61 14.42
CA ASN A 335 -28.34 -4.31 15.68
C ASN A 335 -26.95 -4.47 16.29
N ARG A 336 -25.93 -4.36 15.46
CA ARG A 336 -24.55 -4.49 15.91
C ARG A 336 -23.87 -3.13 15.99
N ASP A 337 -22.88 -3.01 16.87
CA ASP A 337 -22.15 -1.76 17.04
C ASP A 337 -20.85 -1.79 16.23
N PHE A 338 -20.72 -0.83 15.31
CA PHE A 338 -19.53 -0.76 14.46
C PHE A 338 -18.60 0.39 14.82
N SER A 339 -18.75 0.93 16.02
CA SER A 339 -17.91 2.04 16.44
C SER A 339 -16.43 1.71 16.36
N PHE A 340 -16.08 0.42 16.41
CA PHE A 340 -14.68 0.03 16.34
C PHE A 340 -14.02 0.49 15.04
N THR A 341 -14.87 0.88 14.08
CA THR A 341 -14.41 1.36 12.78
C THR A 341 -13.55 2.61 12.88
N ILE A 342 -13.89 3.46 13.84
CA ILE A 342 -13.20 4.72 14.06
C ILE A 342 -11.70 4.56 14.34
N LYS A 343 -11.31 3.48 15.00
CA LYS A 343 -9.89 3.26 15.32
C LYS A 343 -9.07 2.93 14.09
N GLN A 344 -9.71 2.36 13.07
CA GLN A 344 -9.02 1.95 11.85
C GLN A 344 -8.48 3.10 11.01
N ASN A 345 -7.21 2.99 10.60
CA ASN A 345 -6.55 4.00 9.78
C ASN A 345 -6.58 3.62 8.30
N GLY A 346 -6.56 4.61 7.43
CA GLY A 346 -6.57 4.33 6.01
C GLY A 346 -7.92 4.50 5.34
N MET A 347 -8.13 3.79 4.24
CA MET A 347 -9.38 3.92 3.49
C MET A 347 -10.41 2.84 3.75
N PHE A 348 -10.05 1.81 4.51
CA PHE A 348 -11.00 0.71 4.69
C PHE A 348 -11.71 0.53 6.01
N PHE A 349 -12.81 -0.22 5.92
CA PHE A 349 -13.62 -0.61 7.06
C PHE A 349 -13.47 -2.12 7.01
N PHE A 350 -13.11 -2.75 8.13
CA PHE A 350 -12.93 -4.19 8.13
C PHE A 350 -13.34 -4.89 9.43
N GLY A 351 -13.78 -6.14 9.32
CA GLY A 351 -14.15 -6.91 10.50
C GLY A 351 -15.59 -7.18 10.87
N GLY A 352 -16.55 -6.59 10.17
CA GLY A 352 -17.94 -6.82 10.55
C GLY A 352 -18.83 -7.58 9.59
N LEU A 353 -18.31 -7.99 8.45
CA LEU A 353 -19.11 -8.71 7.47
C LEU A 353 -18.50 -10.05 7.07
N THR A 354 -19.37 -11.00 6.72
CA THR A 354 -18.95 -12.33 6.30
C THR A 354 -18.97 -12.35 4.77
N LYS A 355 -18.39 -13.39 4.17
CA LYS A 355 -18.37 -13.46 2.72
C LYS A 355 -19.78 -13.60 2.13
N GLU A 356 -20.68 -14.26 2.86
CA GLU A 356 -22.06 -14.42 2.37
C GLU A 356 -22.77 -13.08 2.34
N GLN A 357 -22.59 -12.31 3.40
CA GLN A 357 -23.22 -10.99 3.49
C GLN A 357 -22.72 -10.11 2.33
N VAL A 358 -21.43 -10.18 2.03
CA VAL A 358 -20.86 -9.40 0.93
C VAL A 358 -21.51 -9.82 -0.40
N LEU A 359 -21.69 -11.13 -0.58
CA LEU A 359 -22.32 -11.64 -1.81
C LEU A 359 -23.74 -11.11 -1.95
N ARG A 360 -24.50 -11.18 -0.86
CA ARG A 360 -25.86 -10.71 -0.86
C ARG A 360 -25.91 -9.21 -1.15
N LEU A 361 -24.95 -8.47 -0.61
CA LEU A 361 -24.89 -7.02 -0.82
C LEU A 361 -24.73 -6.70 -2.30
N ARG A 362 -23.99 -7.56 -3.00
CA ARG A 362 -23.75 -7.39 -4.42
C ARG A 362 -24.98 -7.77 -5.23
N GLU A 363 -25.38 -9.04 -5.09
CA GLU A 363 -26.52 -9.58 -5.82
C GLU A 363 -27.83 -8.83 -5.60
N GLU A 364 -28.21 -8.66 -4.34
CA GLU A 364 -29.46 -8.01 -3.99
C GLU A 364 -29.47 -6.48 -3.93
N PHE A 365 -28.35 -5.87 -3.57
CA PHE A 365 -28.30 -4.41 -3.43
C PHE A 365 -27.37 -3.67 -4.37
N GLY A 366 -26.60 -4.39 -5.18
CA GLY A 366 -25.70 -3.71 -6.09
C GLY A 366 -24.52 -3.05 -5.40
N VAL A 367 -24.24 -3.46 -4.16
CA VAL A 367 -23.12 -2.91 -3.43
C VAL A 367 -21.94 -3.86 -3.58
N TYR A 368 -20.81 -3.34 -4.06
CA TYR A 368 -19.61 -4.14 -4.28
C TYR A 368 -18.50 -3.95 -3.25
N ALA A 369 -18.07 -5.06 -2.66
CA ALA A 369 -16.99 -5.02 -1.67
C ALA A 369 -16.19 -6.29 -1.85
N VAL A 370 -15.03 -6.37 -1.19
CA VAL A 370 -14.18 -7.54 -1.29
C VAL A 370 -14.73 -8.66 -0.42
N ALA A 371 -14.59 -9.89 -0.88
CA ALA A 371 -15.11 -11.07 -0.18
C ALA A 371 -14.66 -11.18 1.27
N SER A 372 -13.53 -10.57 1.60
CA SER A 372 -13.00 -10.60 2.96
C SER A 372 -13.83 -9.74 3.91
N GLY A 373 -14.70 -8.90 3.35
CA GLY A 373 -15.52 -8.03 4.17
C GLY A 373 -14.93 -6.63 4.26
N ARG A 374 -13.95 -6.34 3.41
CA ARG A 374 -13.30 -5.04 3.38
C ARG A 374 -14.12 -4.08 2.53
N LEU A 375 -14.52 -2.95 3.10
CA LEU A 375 -15.27 -1.96 2.34
C LEU A 375 -14.39 -0.70 2.23
N ASN A 376 -14.38 -0.07 1.08
CA ASN A 376 -13.61 1.14 0.85
C ASN A 376 -14.40 2.37 1.33
N VAL A 377 -14.07 2.84 2.53
CA VAL A 377 -14.75 4.00 3.12
C VAL A 377 -14.53 5.23 2.25
N ALA A 378 -13.38 5.28 1.58
CA ALA A 378 -13.04 6.40 0.73
C ALA A 378 -13.99 6.47 -0.46
N GLY A 379 -14.77 5.41 -0.65
CA GLY A 379 -15.72 5.38 -1.74
C GLY A 379 -17.10 5.82 -1.29
N MET A 380 -17.25 6.08 0.01
CA MET A 380 -18.52 6.51 0.57
C MET A 380 -18.68 8.02 0.44
N THR A 381 -19.87 8.45 0.02
CA THR A 381 -20.17 9.87 -0.14
C THR A 381 -21.44 10.20 0.62
N PRO A 382 -21.70 11.50 0.85
CA PRO A 382 -22.93 11.86 1.58
C PRO A 382 -24.16 11.43 0.80
N ASP A 383 -23.99 11.21 -0.50
CA ASP A 383 -25.09 10.81 -1.38
C ASP A 383 -25.40 9.31 -1.39
N ASN A 384 -24.38 8.46 -1.36
CA ASN A 384 -24.62 7.02 -1.38
C ASN A 384 -24.60 6.38 -0.01
N LEU A 385 -24.35 7.18 1.02
CA LEU A 385 -24.27 6.64 2.37
C LEU A 385 -25.60 6.08 2.90
N ALA A 386 -26.71 6.75 2.57
CA ALA A 386 -28.01 6.31 3.03
C ALA A 386 -28.37 4.94 2.47
N PRO A 387 -28.42 4.80 1.13
CA PRO A 387 -28.76 3.49 0.57
C PRO A 387 -27.74 2.41 0.96
N LEU A 388 -26.50 2.82 1.15
CA LEU A 388 -25.44 1.89 1.53
C LEU A 388 -25.73 1.26 2.89
N CYS A 389 -26.05 2.10 3.87
CA CYS A 389 -26.34 1.62 5.22
C CYS A 389 -27.62 0.80 5.29
N GLU A 390 -28.64 1.20 4.53
CA GLU A 390 -29.91 0.47 4.53
C GLU A 390 -29.66 -0.94 4.03
N ALA A 391 -28.78 -1.09 3.04
CA ALA A 391 -28.47 -2.39 2.48
C ALA A 391 -27.71 -3.24 3.51
N ILE A 392 -26.77 -2.61 4.21
CA ILE A 392 -25.99 -3.33 5.22
C ILE A 392 -26.88 -3.81 6.36
N VAL A 393 -27.76 -2.94 6.85
CA VAL A 393 -28.65 -3.30 7.93
C VAL A 393 -29.52 -4.49 7.52
N ALA A 394 -29.90 -4.52 6.25
CA ALA A 394 -30.74 -5.58 5.73
C ALA A 394 -30.09 -6.96 5.75
N VAL A 395 -28.75 -7.01 5.69
CA VAL A 395 -28.07 -8.30 5.69
C VAL A 395 -27.43 -8.68 7.02
N LEU A 396 -27.59 -7.84 8.02
CA LEU A 396 -27.03 -8.10 9.35
C LEU A 396 -27.86 -9.09 10.17
N1 PLP B . 0.48 -2.87 -1.26
C2 PLP B . -0.71 -2.51 -0.68
C2A PLP B . -1.04 -3.24 0.63
C3 PLP B . -1.49 -1.54 -1.30
O3 PLP B . -2.66 -1.23 -0.66
C4 PLP B . -1.12 -0.91 -2.51
C4A PLP B . -2.00 0.18 -3.20
C5 PLP B . 0.13 -1.31 -3.11
C6 PLP B . 0.86 -2.28 -2.43
C5A PLP B . 0.75 -0.80 -4.41
O4P PLP B . -0.12 -0.36 -5.44
P PLP B . 0.44 0.10 -6.81
O1P PLP B . -0.81 0.48 -7.52
O2P PLP B . 1.09 -1.08 -7.44
O3P PLP B . 1.34 1.21 -6.62
CA IVA C . -5.45 -1.84 -3.54
CB IVA C . -5.60 -1.87 -5.07
CG1 IVA C . -4.48 -1.06 -5.72
CG2 IVA C . -5.57 -3.31 -5.60
C IVA C . -6.55 -2.60 -2.81
O IVA C . -6.21 -3.48 -2.00
OXT IVA C . -7.73 -2.28 -3.08
#